data_2NXV
#
_entry.id   2NXV
#
_cell.length_a   121.873
_cell.length_b   90.311
_cell.length_c   69.590
_cell.angle_alpha   90.00
_cell.angle_beta   90.00
_cell.angle_gamma   90.00
#
_symmetry.space_group_name_H-M   'P 21 21 2'
#
loop_
_entity.id
_entity.type
_entity.pdbx_description
1 polymer 'ATP synthase subunits region ORF 6'
2 non-polymer GLYCEROL
3 water water
#
_entity_poly.entity_id   1
_entity_poly.type   'polypeptide(L)'
_entity_poly.pdbx_seq_one_letter_code
;MKPVPTYVQDKDESTLMFSVCSLVRDQAKYDRLLESFERFGFTPDKAEFLAADNREGNQFHGFSWHKQMLPRCKGRYVIF
CHEDVELVDRGYDDLVAAIEALEEADPKWLVAGVAGSPWRPLNHSVTAQALHISDVFGNDRRRGNVPCRVESLDECFLLM
RRLKPVLNSYDMQGFHYYGADLCLQAEFLGGRAYAIDFHLHHYGRAIADENFHRLRQEMAQKYRRWFPGRILHCVTGRVA
LGGGWYEAR
;
_entity_poly.pdbx_strand_id   A,B
#
loop_
_chem_comp.id
_chem_comp.type
_chem_comp.name
_chem_comp.formula
GOL non-polymer GLYCEROL 'C3 H8 O3'
#
# COMPACT_ATOMS: atom_id res chain seq x y z
N MET A 1 27.80 11.04 -19.16
CA MET A 1 26.96 10.03 -19.86
C MET A 1 25.48 10.35 -19.65
N LYS A 2 24.69 10.23 -20.71
CA LYS A 2 23.23 10.42 -20.64
C LYS A 2 22.63 9.21 -19.91
N PRO A 3 21.77 9.42 -18.88
CA PRO A 3 21.10 8.22 -18.32
C PRO A 3 20.31 7.49 -19.39
N VAL A 4 20.23 6.17 -19.25
CA VAL A 4 19.39 5.37 -20.15
C VAL A 4 18.19 4.91 -19.32
N PRO A 5 17.00 5.50 -19.54
CA PRO A 5 15.85 5.11 -18.75
C PRO A 5 15.22 3.82 -19.26
N THR A 6 14.49 3.14 -18.38
CA THR A 6 13.61 2.05 -18.78
C THR A 6 12.20 2.58 -18.89
N TYR A 7 11.58 2.42 -20.07
CA TYR A 7 10.20 2.82 -20.27
C TYR A 7 9.28 1.66 -19.90
N VAL A 8 8.33 1.91 -19.04
CA VAL A 8 7.43 0.89 -18.51
C VAL A 8 6.07 1.06 -19.12
N GLN A 9 5.54 -0.04 -19.65
CA GLN A 9 4.21 -0.08 -20.21
C GLN A 9 3.25 -0.71 -19.20
N ASP A 10 1.95 -0.54 -19.45
CA ASP A 10 0.92 -1.13 -18.56
C ASP A 10 0.58 -2.52 -19.01
N LYS A 11 1.43 -3.44 -18.64
CA LYS A 11 1.28 -4.82 -19.05
C LYS A 11 1.76 -5.74 -17.97
N ASP A 12 1.10 -6.88 -17.88
CA ASP A 12 1.37 -7.87 -16.88
C ASP A 12 2.41 -8.77 -17.47
N GLU A 13 3.64 -8.61 -17.04
CA GLU A 13 4.68 -9.40 -17.68
C GLU A 13 4.99 -10.69 -16.94
N SER A 14 4.22 -11.02 -15.89
CA SER A 14 4.44 -12.30 -15.16
C SER A 14 4.36 -13.48 -16.16
N THR A 15 5.11 -14.52 -15.86
CA THR A 15 4.92 -15.82 -16.49
C THR A 15 4.50 -16.86 -15.44
N LEU A 16 4.85 -16.65 -14.14
CA LEU A 16 4.35 -17.55 -13.10
C LEU A 16 3.01 -17.07 -12.67
N MET A 17 2.09 -17.99 -12.44
CA MET A 17 0.78 -17.63 -11.95
C MET A 17 0.84 -17.22 -10.48
N PHE A 18 1.62 -17.93 -9.66
CA PHE A 18 1.62 -17.70 -8.21
C PHE A 18 3.01 -17.53 -7.65
N SER A 19 3.13 -16.58 -6.71
CA SER A 19 4.23 -16.55 -5.74
C SER A 19 3.64 -16.92 -4.43
N VAL A 20 4.07 -18.03 -3.87
CA VAL A 20 3.51 -18.55 -2.63
C VAL A 20 4.46 -18.19 -1.51
N CYS A 21 4.05 -17.25 -0.67
CA CYS A 21 4.90 -16.73 0.41
C CYS A 21 4.37 -17.23 1.73
N SER A 22 5.28 -17.70 2.57
CA SER A 22 4.86 -18.24 3.86
C SER A 22 5.70 -17.70 4.99
N LEU A 23 5.07 -17.57 6.15
CA LEU A 23 5.77 -17.12 7.38
C LEU A 23 6.28 -18.37 8.09
N VAL A 24 7.58 -18.60 8.10
CA VAL A 24 8.11 -19.92 8.45
C VAL A 24 8.92 -19.91 9.71
N ARG A 25 8.50 -20.76 10.63
CA ARG A 25 9.23 -21.02 11.86
C ARG A 25 9.73 -22.48 11.97
N ASP A 26 8.95 -23.41 11.44
CA ASP A 26 9.12 -24.84 11.69
C ASP A 26 9.37 -25.53 10.33
N GLN A 27 10.61 -26.00 10.13
CA GLN A 27 10.97 -26.63 8.88
C GLN A 27 10.07 -27.79 8.49
N ALA A 28 9.72 -28.62 9.46
CA ALA A 28 8.93 -29.80 9.14
C ALA A 28 7.56 -29.39 8.62
N LYS A 29 6.95 -28.40 9.27
CA LYS A 29 5.63 -27.97 8.77
C LYS A 29 5.74 -27.36 7.38
N TYR A 30 6.75 -26.53 7.17
CA TYR A 30 6.90 -25.89 5.86
C TYR A 30 7.20 -26.93 4.77
N ASP A 31 8.02 -27.95 5.10
CA ASP A 31 8.29 -28.97 4.08
C ASP A 31 7.02 -29.71 3.69
N ARG A 32 6.15 -29.94 4.66
CA ARG A 32 4.86 -30.56 4.42
C ARG A 32 4.00 -29.68 3.50
N LEU A 33 4.00 -28.37 3.77
CA LEU A 33 3.28 -27.43 2.91
C LEU A 33 3.79 -27.52 1.49
N LEU A 34 5.11 -27.44 1.32
CA LEU A 34 5.72 -27.41 -0.01
C LEU A 34 5.40 -28.68 -0.80
N GLU A 35 5.52 -29.83 -0.15
CA GLU A 35 5.18 -31.10 -0.83
C GLU A 35 3.71 -31.10 -1.25
N SER A 36 2.80 -30.59 -0.42
CA SER A 36 1.39 -30.65 -0.76
C SER A 36 1.05 -29.70 -1.91
N PHE A 37 1.67 -28.51 -1.93
CA PHE A 37 1.40 -27.60 -3.03
C PHE A 37 1.87 -28.18 -4.35
N GLU A 38 3.07 -28.77 -4.36
CA GLU A 38 3.55 -29.39 -5.58
C GLU A 38 2.64 -30.54 -6.03
N ARG A 39 2.19 -31.37 -5.07
CA ARG A 39 1.34 -32.54 -5.37
C ARG A 39 0.04 -32.08 -6.04
N PHE A 40 -0.46 -30.94 -5.58
CA PHE A 40 -1.74 -30.41 -6.07
C PHE A 40 -1.56 -29.33 -7.13
N GLY A 41 -0.45 -29.39 -7.86
CA GLY A 41 -0.41 -28.66 -9.13
C GLY A 41 0.45 -27.41 -9.18
N PHE A 42 1.07 -27.02 -8.05
CA PHE A 42 1.88 -25.80 -8.02
C PHE A 42 3.32 -26.19 -8.37
N THR A 43 3.50 -26.54 -9.64
CA THR A 43 4.80 -27.00 -10.15
C THR A 43 5.65 -25.80 -10.57
N PRO A 44 6.95 -26.00 -10.84
CA PRO A 44 7.83 -24.84 -11.07
C PRO A 44 7.53 -23.96 -12.28
N ASP A 45 6.77 -24.48 -13.25
CA ASP A 45 6.30 -23.66 -14.37
C ASP A 45 5.12 -22.76 -13.99
N LYS A 46 4.52 -23.02 -12.86
CA LYS A 46 3.32 -22.31 -12.39
C LYS A 46 3.54 -21.44 -11.17
N ALA A 47 4.50 -21.82 -10.32
CA ALA A 47 4.60 -21.22 -8.99
C ALA A 47 6.01 -21.17 -8.52
N GLU A 48 6.32 -20.17 -7.68
CA GLU A 48 7.55 -20.10 -6.91
C GLU A 48 7.17 -19.98 -5.46
N PHE A 49 8.10 -20.33 -4.59
CA PHE A 49 7.88 -20.37 -3.13
C PHE A 49 8.92 -19.52 -2.44
N LEU A 50 8.45 -18.66 -1.55
CA LEU A 50 9.33 -17.78 -0.78
C LEU A 50 8.92 -17.88 0.66
N ALA A 51 9.89 -17.80 1.56
CA ALA A 51 9.63 -17.93 2.98
C ALA A 51 10.18 -16.72 3.73
N ALA A 52 9.34 -16.04 4.51
CA ALA A 52 9.84 -15.06 5.47
C ALA A 52 10.49 -15.87 6.59
N ASP A 53 11.80 -15.69 6.79
CA ASP A 53 12.53 -16.66 7.59
C ASP A 53 12.47 -16.33 9.09
N ASN A 54 11.53 -16.94 9.78
CA ASN A 54 11.39 -16.82 11.23
C ASN A 54 11.87 -18.10 11.92
N ARG A 55 12.76 -18.86 11.28
CA ARG A 55 13.20 -20.12 11.90
C ARG A 55 14.04 -19.87 13.13
N GLU A 56 14.80 -18.77 13.16
CA GLU A 56 15.69 -18.49 14.32
C GLU A 56 15.19 -17.41 15.24
N GLY A 57 14.01 -16.93 15.01
CA GLY A 57 13.49 -15.87 15.85
C GLY A 57 12.51 -15.09 15.01
N ASN A 58 11.93 -14.08 15.64
CA ASN A 58 10.85 -13.35 15.05
C ASN A 58 11.38 -12.17 14.28
N GLN A 59 12.06 -12.47 13.20
CA GLN A 59 12.61 -11.50 12.30
C GLN A 59 11.47 -10.62 11.70
N PHE A 60 10.37 -11.29 11.36
CA PHE A 60 9.19 -10.67 10.79
C PHE A 60 8.01 -10.90 11.70
N HIS A 61 6.99 -10.05 11.56
CA HIS A 61 5.69 -10.33 12.21
C HIS A 61 4.60 -10.14 11.17
N GLY A 62 3.35 -10.33 11.60
CA GLY A 62 2.24 -10.38 10.65
C GLY A 62 2.01 -9.08 9.90
N PHE A 63 2.35 -7.92 10.53
CA PHE A 63 2.07 -6.64 9.87
C PHE A 63 3.23 -6.19 8.99
N SER A 64 4.41 -6.81 9.16
CA SER A 64 5.60 -6.33 8.40
C SER A 64 5.97 -7.22 7.23
N TRP A 65 5.63 -8.50 7.27
CA TRP A 65 6.32 -9.41 6.34
C TRP A 65 6.05 -9.15 4.87
N HIS A 66 4.88 -8.72 4.50
CA HIS A 66 4.62 -8.57 3.05
C HIS A 66 5.56 -7.54 2.41
N LYS A 67 6.00 -6.54 3.16
CA LYS A 67 6.76 -5.44 2.57
C LYS A 67 8.13 -5.89 2.11
N GLN A 68 8.70 -6.92 2.74
CA GLN A 68 9.91 -7.55 2.26
C GLN A 68 9.67 -8.64 1.22
N MET A 69 8.54 -9.32 1.30
CA MET A 69 8.28 -10.41 0.34
C MET A 69 7.86 -9.93 -1.03
N LEU A 70 6.95 -8.97 -1.07
CA LEU A 70 6.37 -8.50 -2.34
CA LEU A 70 6.38 -8.53 -2.35
C LEU A 70 7.41 -8.15 -3.40
N PRO A 71 8.46 -7.39 -3.03
CA PRO A 71 9.45 -7.00 -4.06
C PRO A 71 10.13 -8.19 -4.73
N ARG A 72 10.17 -9.32 -4.05
CA ARG A 72 10.84 -10.50 -4.56
C ARG A 72 9.93 -11.37 -5.41
N CYS A 73 8.63 -11.09 -5.43
CA CYS A 73 7.69 -11.94 -6.11
C CYS A 73 7.62 -11.60 -7.58
N LYS A 74 7.48 -12.65 -8.40
CA LYS A 74 7.33 -12.47 -9.82
C LYS A 74 6.00 -12.97 -10.36
N GLY A 75 5.17 -13.60 -9.53
CA GLY A 75 3.92 -14.20 -10.00
C GLY A 75 2.81 -13.20 -10.18
N ARG A 76 1.78 -13.60 -10.91
CA ARG A 76 0.61 -12.74 -11.09
C ARG A 76 -0.12 -12.49 -9.79
N TYR A 77 -0.32 -13.56 -9.02
CA TYR A 77 -0.98 -13.51 -7.73
C TYR A 77 -0.01 -13.89 -6.66
N VAL A 78 -0.09 -13.20 -5.53
CA VAL A 78 0.78 -13.48 -4.41
C VAL A 78 -0.07 -14.04 -3.30
N ILE A 79 0.28 -15.25 -2.84
CA ILE A 79 -0.36 -15.87 -1.68
C ILE A 79 0.51 -15.57 -0.47
N PHE A 80 -0.10 -15.17 0.63
CA PHE A 80 0.58 -15.05 1.92
C PHE A 80 -0.12 -16.02 2.83
N CYS A 81 0.57 -17.09 3.20
CA CYS A 81 -0.05 -18.12 4.02
C CYS A 81 0.85 -18.53 5.18
N HIS A 82 0.23 -19.21 6.12
CA HIS A 82 0.95 -19.81 7.23
C HIS A 82 1.60 -21.12 6.81
N GLU A 83 2.57 -21.53 7.62
CA GLU A 83 3.34 -22.74 7.33
C GLU A 83 2.58 -24.02 7.58
N ASP A 84 1.44 -23.91 8.30
CA ASP A 84 0.64 -25.06 8.72
C ASP A 84 -0.68 -25.11 7.99
N VAL A 85 -0.68 -24.67 6.73
CA VAL A 85 -1.69 -25.12 5.78
C VAL A 85 -1.10 -26.17 4.83
N GLU A 86 -1.96 -26.99 4.28
CA GLU A 86 -1.56 -27.97 3.29
C GLU A 86 -2.71 -28.20 2.34
N LEU A 87 -2.37 -28.38 1.09
CA LEU A 87 -3.38 -28.76 0.11
C LEU A 87 -3.66 -30.25 0.24
N VAL A 88 -4.93 -30.60 0.13
CA VAL A 88 -5.39 -31.97 0.33
C VAL A 88 -6.39 -32.46 -0.73
N ASP A 89 -7.01 -31.59 -1.51
CA ASP A 89 -7.94 -32.02 -2.56
C ASP A 89 -8.00 -30.95 -3.66
N ARG A 90 -8.38 -29.73 -3.30
CA ARG A 90 -8.39 -28.65 -4.25
C ARG A 90 -6.97 -28.18 -4.51
N GLY A 91 -6.70 -27.83 -5.76
CA GLY A 91 -5.35 -27.51 -6.18
C GLY A 91 -5.25 -26.30 -7.08
N TYR A 92 -4.16 -26.27 -7.84
CA TYR A 92 -3.84 -25.13 -8.68
C TYR A 92 -4.99 -24.72 -9.59
N ASP A 93 -5.57 -25.68 -10.33
CA ASP A 93 -6.62 -25.30 -11.28
C ASP A 93 -7.85 -24.77 -10.55
N ASP A 94 -8.17 -25.33 -9.38
CA ASP A 94 -9.31 -24.86 -8.63
C ASP A 94 -9.11 -23.42 -8.12
N LEU A 95 -7.89 -23.12 -7.68
CA LEU A 95 -7.64 -21.74 -7.19
C LEU A 95 -7.68 -20.77 -8.35
N VAL A 96 -7.07 -21.10 -9.48
CA VAL A 96 -7.14 -20.22 -10.62
C VAL A 96 -8.61 -19.98 -10.99
N ALA A 97 -9.42 -21.04 -11.06
CA ALA A 97 -10.81 -20.87 -11.44
C ALA A 97 -11.55 -19.99 -10.43
N ALA A 98 -11.26 -20.15 -9.14
CA ALA A 98 -11.98 -19.34 -8.13
C ALA A 98 -11.60 -17.86 -8.29
N ILE A 99 -10.32 -17.58 -8.50
CA ILE A 99 -9.88 -16.19 -8.64
C ILE A 99 -10.42 -15.56 -9.90
N GLU A 100 -10.39 -16.31 -10.99
CA GLU A 100 -10.90 -15.74 -12.23
C GLU A 100 -12.42 -15.53 -12.14
N ALA A 101 -13.12 -16.41 -11.43
CA ALA A 101 -14.56 -16.20 -11.24
C ALA A 101 -14.82 -14.96 -10.38
N LEU A 102 -13.99 -14.75 -9.37
CA LEU A 102 -14.15 -13.59 -8.52
C LEU A 102 -13.89 -12.32 -9.32
N GLU A 103 -12.88 -12.33 -10.20
CA GLU A 103 -12.64 -11.15 -11.03
C GLU A 103 -13.85 -10.79 -11.89
N GLU A 104 -14.51 -11.82 -12.42
CA GLU A 104 -15.72 -11.59 -13.21
C GLU A 104 -16.87 -11.07 -12.34
N ALA A 105 -17.03 -11.65 -11.16
CA ALA A 105 -18.14 -11.28 -10.28
C ALA A 105 -17.98 -9.91 -9.67
N ASP A 106 -16.76 -9.54 -9.28
CA ASP A 106 -16.56 -8.25 -8.61
C ASP A 106 -15.12 -7.81 -8.83
N PRO A 107 -14.88 -7.05 -9.90
CA PRO A 107 -13.53 -6.61 -10.21
C PRO A 107 -12.95 -5.65 -9.16
N LYS A 108 -13.75 -5.19 -8.20
CA LYS A 108 -13.23 -4.32 -7.13
C LYS A 108 -12.54 -5.10 -6.02
N TRP A 109 -12.51 -6.44 -6.10
CA TRP A 109 -11.77 -7.19 -5.08
C TRP A 109 -10.30 -6.81 -5.10
N LEU A 110 -9.70 -6.83 -3.90
CA LEU A 110 -8.24 -6.64 -3.76
C LEU A 110 -7.60 -7.76 -2.99
N VAL A 111 -8.30 -8.35 -2.02
CA VAL A 111 -7.78 -9.42 -1.14
CA VAL A 111 -7.73 -9.46 -1.26
CA VAL A 111 -7.74 -9.46 -1.23
C VAL A 111 -8.77 -10.56 -1.16
N ALA A 112 -8.26 -11.79 -1.20
CA ALA A 112 -9.11 -12.97 -1.10
C ALA A 112 -8.53 -13.91 -0.10
N GLY A 113 -9.37 -14.67 0.58
CA GLY A 113 -8.90 -15.70 1.52
C GLY A 113 -9.91 -16.81 1.59
N VAL A 114 -9.68 -17.77 2.48
CA VAL A 114 -10.52 -18.98 2.57
C VAL A 114 -11.50 -18.96 3.71
N ALA A 115 -11.36 -18.01 4.64
CA ALA A 115 -12.20 -17.97 5.86
C ALA A 115 -12.18 -16.53 6.33
N GLY A 116 -13.36 -16.02 6.68
CA GLY A 116 -13.45 -14.65 7.23
C GLY A 116 -14.82 -14.38 7.74
N SER A 117 -15.13 -13.08 7.88
CA SER A 117 -16.45 -12.66 8.36
C SER A 117 -17.13 -11.81 7.31
N PRO A 118 -18.38 -12.12 6.97
CA PRO A 118 -19.14 -11.33 6.00
C PRO A 118 -19.13 -9.83 6.27
N TRP A 119 -19.11 -9.07 5.20
CA TRP A 119 -19.02 -7.60 5.27
C TRP A 119 -20.31 -7.03 5.83
N ARG A 120 -20.15 -6.21 6.87
CA ARG A 120 -21.30 -5.51 7.54
C ARG A 120 -22.40 -6.48 7.89
N PRO A 121 -22.15 -7.41 8.81
CA PRO A 121 -23.25 -8.28 9.29
C PRO A 121 -24.36 -7.45 9.91
N LEU A 122 -25.60 -7.88 9.68
CA LEU A 122 -26.70 -7.24 10.40
C LEU A 122 -26.84 -7.71 11.84
N ASN A 123 -26.47 -8.94 12.10
CA ASN A 123 -26.73 -9.53 13.39
C ASN A 123 -25.48 -9.56 14.21
N HIS A 124 -25.32 -8.59 15.08
CA HIS A 124 -24.17 -8.50 15.94
C HIS A 124 -24.27 -9.34 17.18
N SER A 125 -25.38 -10.10 17.34
CA SER A 125 -25.52 -10.96 18.52
C SER A 125 -24.74 -12.25 18.44
N VAL A 126 -24.22 -12.57 17.25
CA VAL A 126 -23.38 -13.76 17.05
C VAL A 126 -22.26 -13.33 16.12
N THR A 127 -21.16 -14.04 16.14
CA THR A 127 -20.03 -13.70 15.26
C THR A 127 -20.31 -14.25 13.90
N ALA A 128 -20.30 -13.41 12.88
CA ALA A 128 -20.54 -13.86 11.51
C ALA A 128 -19.28 -14.52 10.97
N GLN A 129 -19.45 -15.67 10.29
CA GLN A 129 -18.33 -16.37 9.68
C GLN A 129 -18.73 -16.89 8.33
N ALA A 130 -17.78 -16.92 7.40
CA ALA A 130 -17.95 -17.48 6.06
C ALA A 130 -16.66 -18.20 5.72
N LEU A 131 -16.71 -19.53 5.57
CA LEU A 131 -15.50 -20.30 5.34
C LEU A 131 -15.85 -21.66 4.78
N HIS A 132 -14.82 -22.30 4.23
CA HIS A 132 -14.86 -23.73 3.88
C HIS A 132 -13.46 -24.22 4.10
N ILE A 133 -13.27 -25.16 5.02
CA ILE A 133 -11.91 -25.53 5.42
C ILE A 133 -11.95 -26.88 6.13
N SER A 134 -10.80 -27.50 6.28
CA SER A 134 -10.61 -28.57 7.29
C SER A 134 -9.66 -28.01 8.31
N ASP A 135 -10.03 -28.02 9.58
CA ASP A 135 -9.17 -27.45 10.60
C ASP A 135 -9.46 -28.14 11.94
N VAL A 136 -8.97 -27.59 13.03
CA VAL A 136 -9.09 -28.28 14.29
C VAL A 136 -10.53 -28.41 14.75
N PHE A 137 -11.42 -27.59 14.20
CA PHE A 137 -12.84 -27.65 14.56
C PHE A 137 -13.63 -28.62 13.71
N GLY A 138 -13.02 -29.23 12.70
CA GLY A 138 -13.70 -30.24 11.92
C GLY A 138 -13.13 -30.35 10.52
N ASN A 139 -13.20 -31.56 9.94
CA ASN A 139 -12.83 -31.76 8.56
C ASN A 139 -13.98 -31.40 7.65
N ASP A 140 -13.68 -30.80 6.52
CA ASP A 140 -14.61 -30.41 5.46
CA ASP A 140 -14.64 -30.52 5.48
C ASP A 140 -15.85 -29.78 6.06
N ARG A 141 -15.60 -28.66 6.72
CA ARG A 141 -16.63 -27.89 7.40
C ARG A 141 -16.85 -26.57 6.67
N ARG A 142 -18.02 -25.99 6.93
CA ARG A 142 -18.42 -24.72 6.36
C ARG A 142 -19.05 -23.86 7.41
N ARG A 143 -18.92 -22.55 7.22
CA ARG A 143 -19.84 -21.57 7.81
C ARG A 143 -20.29 -20.65 6.72
N GLY A 144 -21.55 -20.26 6.75
CA GLY A 144 -22.01 -19.31 5.77
C GLY A 144 -21.88 -19.87 4.38
N ASN A 145 -21.82 -18.96 3.43
CA ASN A 145 -21.79 -19.31 2.02
CA ASN A 145 -21.73 -19.36 2.03
C ASN A 145 -20.64 -18.58 1.34
N VAL A 146 -19.68 -19.29 0.84
CA VAL A 146 -18.56 -18.74 0.07
C VAL A 146 -18.78 -19.08 -1.39
N PRO A 147 -18.36 -18.23 -2.33
CA PRO A 147 -17.66 -16.94 -2.10
C PRO A 147 -18.57 -15.85 -1.61
N CYS A 148 -18.01 -14.93 -0.82
CA CYS A 148 -18.81 -13.78 -0.35
C CYS A 148 -17.88 -12.68 0.09
N ARG A 149 -18.41 -11.47 0.05
CA ARG A 149 -17.65 -10.29 0.49
C ARG A 149 -17.47 -10.35 1.98
N VAL A 150 -16.29 -9.97 2.47
CA VAL A 150 -15.98 -10.01 3.90
C VAL A 150 -15.42 -8.68 4.37
N GLU A 151 -15.47 -8.50 5.68
CA GLU A 151 -14.79 -7.37 6.33
C GLU A 151 -13.50 -7.77 7.01
N SER A 152 -13.24 -9.08 7.14
CA SER A 152 -11.99 -9.58 7.72
C SER A 152 -11.74 -10.95 7.12
N LEU A 153 -10.47 -11.38 7.18
CA LEU A 153 -10.04 -12.70 6.74
C LEU A 153 -9.13 -13.28 7.77
N ASP A 154 -9.23 -14.61 7.95
CA ASP A 154 -8.26 -15.28 8.77
CA ASP A 154 -8.27 -15.37 8.72
C ASP A 154 -6.88 -15.28 8.08
N GLU A 155 -5.85 -15.15 8.90
CA GLU A 155 -4.48 -15.01 8.39
C GLU A 155 -3.89 -16.26 7.76
N CYS A 156 -4.52 -17.42 7.89
CA CYS A 156 -3.83 -18.63 7.45
C CYS A 156 -3.57 -18.67 5.94
N PHE A 157 -4.38 -17.99 5.15
CA PHE A 157 -4.20 -18.01 3.69
C PHE A 157 -4.90 -16.80 3.09
N LEU A 158 -4.13 -15.91 2.46
CA LEU A 158 -4.59 -14.63 1.88
C LEU A 158 -3.96 -14.52 0.53
N LEU A 159 -4.56 -13.79 -0.40
CA LEU A 159 -3.90 -13.52 -1.66
CA LEU A 159 -4.09 -13.65 -1.76
C LEU A 159 -4.35 -12.21 -2.24
N MET A 160 -3.44 -11.64 -3.02
CA MET A 160 -3.64 -10.40 -3.72
C MET A 160 -3.00 -10.49 -5.09
N ARG A 161 -3.40 -9.62 -6.01
CA ARG A 161 -2.65 -9.44 -7.25
C ARG A 161 -1.35 -8.73 -6.97
N ARG A 162 -0.26 -9.21 -7.55
CA ARG A 162 1.06 -8.53 -7.37
C ARG A 162 0.96 -7.08 -7.83
N LEU A 163 0.21 -6.82 -8.89
CA LEU A 163 0.10 -5.46 -9.45
C LEU A 163 -1.00 -4.63 -8.83
N LYS A 164 -1.78 -5.20 -7.92
CA LYS A 164 -2.77 -4.40 -7.18
C LYS A 164 -2.69 -4.80 -5.72
N PRO A 165 -1.58 -4.47 -5.06
CA PRO A 165 -1.40 -4.90 -3.67
C PRO A 165 -2.23 -4.06 -2.70
N VAL A 166 -2.23 -4.55 -1.46
CA VAL A 166 -2.72 -3.82 -0.28
C VAL A 166 -1.66 -3.98 0.77
N LEU A 167 -1.44 -2.94 1.59
CA LEU A 167 -0.45 -2.95 2.67
C LEU A 167 -1.10 -3.03 4.02
N ASN A 168 -0.45 -3.79 4.92
CA ASN A 168 -0.74 -3.72 6.35
C ASN A 168 -0.15 -2.46 6.97
N SER A 169 -0.80 -2.05 8.05
CA SER A 169 -0.35 -0.92 8.87
C SER A 169 1.07 -1.05 9.36
N TYR A 170 1.69 0.10 9.54
CA TYR A 170 3.01 0.22 10.14
C TYR A 170 2.98 0.42 11.63
N ASP A 171 1.83 0.79 12.20
CA ASP A 171 1.79 1.16 13.63
C ASP A 171 1.22 0.05 14.50
N MET A 172 1.23 -1.18 14.02
CA MET A 172 0.91 -2.35 14.84
C MET A 172 1.97 -3.40 14.57
N GLN A 173 2.24 -4.21 15.60
CA GLN A 173 3.17 -5.31 15.43
C GLN A 173 2.69 -6.52 16.18
N GLY A 174 2.89 -7.69 15.57
CA GLY A 174 2.63 -8.96 16.26
C GLY A 174 1.93 -9.92 15.35
N PHE A 175 1.26 -10.87 15.99
CA PHE A 175 0.85 -12.09 15.32
C PHE A 175 -0.66 -12.31 15.43
N HIS A 176 -1.44 -11.21 15.46
CA HIS A 176 -2.92 -11.26 15.51
C HIS A 176 -3.42 -10.06 14.75
N TYR A 177 -4.58 -10.23 14.13
CA TYR A 177 -5.36 -9.14 13.55
C TYR A 177 -4.83 -8.55 12.27
N TYR A 178 -3.77 -9.12 11.71
CA TYR A 178 -3.22 -8.61 10.46
C TYR A 178 -4.07 -8.98 9.24
N GLY A 179 -4.96 -9.97 9.38
CA GLY A 179 -5.93 -10.23 8.32
C GLY A 179 -7.01 -9.17 8.28
N ALA A 180 -7.62 -8.84 9.41
CA ALA A 180 -8.59 -7.75 9.47
C ALA A 180 -7.98 -6.42 9.06
N ASP A 181 -6.77 -6.14 9.56
CA ASP A 181 -6.10 -4.89 9.21
C ASP A 181 -5.97 -4.75 7.69
N LEU A 182 -5.56 -5.84 7.01
CA LEU A 182 -5.38 -5.79 5.56
C LEU A 182 -6.69 -5.50 4.87
N CYS A 183 -7.78 -6.12 5.34
CA CYS A 183 -9.08 -5.89 4.72
C CYS A 183 -9.57 -4.48 4.96
N LEU A 184 -9.34 -3.89 6.12
CA LEU A 184 -9.76 -2.51 6.37
C LEU A 184 -8.96 -1.55 5.50
N GLN A 185 -7.65 -1.78 5.35
CA GLN A 185 -6.85 -0.92 4.47
C GLN A 185 -7.36 -1.06 3.02
N ALA A 186 -7.76 -2.27 2.60
CA ALA A 186 -8.31 -2.44 1.26
C ALA A 186 -9.51 -1.55 1.06
N GLU A 187 -10.38 -1.43 2.08
CA GLU A 187 -11.53 -0.54 2.01
C GLU A 187 -11.08 0.92 1.91
N PHE A 188 -10.10 1.33 2.70
CA PHE A 188 -9.58 2.72 2.55
C PHE A 188 -9.06 2.98 1.16
N LEU A 189 -8.51 1.96 0.49
CA LEU A 189 -8.02 2.09 -0.88
C LEU A 189 -9.11 1.99 -1.92
N GLY A 190 -10.36 1.78 -1.50
CA GLY A 190 -11.46 1.73 -2.45
C GLY A 190 -11.78 0.36 -2.97
N GLY A 191 -11.26 -0.72 -2.39
CA GLY A 191 -11.54 -2.07 -2.86
C GLY A 191 -12.12 -2.92 -1.77
N ARG A 192 -12.16 -4.23 -2.08
CA ARG A 192 -12.99 -5.16 -1.32
C ARG A 192 -12.21 -6.41 -0.99
N ALA A 193 -12.70 -7.14 0.00
CA ALA A 193 -12.12 -8.42 0.41
C ALA A 193 -13.19 -9.48 0.26
N TYR A 194 -12.78 -10.67 -0.14
CA TYR A 194 -13.69 -11.82 -0.31
C TYR A 194 -13.13 -13.04 0.33
N ALA A 195 -14.00 -13.86 0.89
CA ALA A 195 -13.70 -15.27 1.17
C ALA A 195 -14.14 -16.05 -0.07
N ILE A 196 -13.24 -16.81 -0.64
CA ILE A 196 -13.56 -17.66 -1.79
C ILE A 196 -13.70 -19.09 -1.28
N ASP A 197 -14.17 -19.96 -2.18
CA ASP A 197 -14.33 -21.39 -1.84
C ASP A 197 -13.10 -22.09 -2.39
N PHE A 198 -12.14 -22.35 -1.50
CA PHE A 198 -10.90 -23.05 -1.85
C PHE A 198 -10.48 -23.84 -0.65
N HIS A 199 -10.97 -25.09 -0.59
CA HIS A 199 -10.80 -25.90 0.58
C HIS A 199 -9.36 -26.41 0.72
N LEU A 200 -8.78 -26.18 1.89
CA LEU A 200 -7.48 -26.71 2.26
C LEU A 200 -7.51 -27.15 3.71
N HIS A 201 -6.41 -27.71 4.19
CA HIS A 201 -6.32 -28.13 5.58
C HIS A 201 -5.42 -27.15 6.35
N HIS A 202 -5.95 -26.58 7.43
CA HIS A 202 -5.22 -25.69 8.28
C HIS A 202 -5.12 -26.35 9.62
N TYR A 203 -3.90 -26.67 10.04
CA TYR A 203 -3.76 -27.44 11.27
C TYR A 203 -3.24 -26.58 12.41
N GLY A 204 -3.09 -25.29 12.20
CA GLY A 204 -2.73 -24.43 13.32
C GLY A 204 -3.99 -24.02 14.03
N ARG A 205 -3.83 -23.37 15.18
CA ARG A 205 -5.00 -22.81 15.84
C ARG A 205 -4.67 -21.60 16.66
N ALA A 206 -5.72 -20.86 16.96
CA ALA A 206 -5.61 -19.55 17.58
C ALA A 206 -5.13 -19.64 19.01
N ILE A 207 -4.36 -18.62 19.37
CA ILE A 207 -3.82 -18.45 20.71
C ILE A 207 -4.48 -17.15 21.20
N ALA A 208 -5.42 -17.19 22.15
CA ALA A 208 -6.03 -15.97 22.74
C ALA A 208 -5.23 -15.56 23.95
N ASP A 209 -3.99 -15.16 23.71
CA ASP A 209 -3.04 -14.82 24.77
C ASP A 209 -3.03 -13.30 25.02
N GLU A 210 -2.07 -12.82 25.79
CA GLU A 210 -2.02 -11.40 26.11
C GLU A 210 -1.81 -10.56 24.84
N ASN A 211 -1.00 -11.02 23.90
CA ASN A 211 -0.84 -10.25 22.67
C ASN A 211 -2.13 -10.15 21.87
N PHE A 212 -2.93 -11.19 21.85
CA PHE A 212 -4.21 -11.15 21.18
C PHE A 212 -5.09 -10.04 21.82
N HIS A 213 -5.16 -10.01 23.14
CA HIS A 213 -5.95 -9.00 23.82
C HIS A 213 -5.39 -7.61 23.59
N ARG A 214 -4.08 -7.48 23.57
CA ARG A 214 -3.43 -6.20 23.33
C ARG A 214 -3.75 -5.72 21.95
N LEU A 215 -3.60 -6.57 20.94
CA LEU A 215 -3.86 -6.15 19.58
C LEU A 215 -5.33 -5.93 19.34
N ARG A 216 -6.22 -6.64 20.01
CA ARG A 216 -7.67 -6.33 19.90
C ARG A 216 -7.93 -4.89 20.35
N GLN A 217 -7.32 -4.49 21.46
CA GLN A 217 -7.47 -3.11 21.98
CA GLN A 217 -7.49 -3.14 21.95
C GLN A 217 -6.81 -2.13 21.04
N GLU A 218 -5.63 -2.43 20.49
CA GLU A 218 -4.96 -1.51 19.58
C GLU A 218 -5.77 -1.36 18.30
N MET A 219 -6.38 -2.44 17.80
CA MET A 219 -7.22 -2.35 16.61
C MET A 219 -8.42 -1.46 16.88
N ALA A 220 -9.06 -1.61 18.04
CA ALA A 220 -10.19 -0.76 18.37
C ALA A 220 -9.76 0.72 18.50
N GLN A 221 -8.65 0.95 19.18
CA GLN A 221 -8.17 2.34 19.36
C GLN A 221 -7.84 2.97 18.03
N LYS A 222 -7.24 2.20 17.11
CA LYS A 222 -6.91 2.74 15.81
C LYS A 222 -8.17 2.94 14.98
N TYR A 223 -8.96 1.90 14.78
CA TYR A 223 -9.99 1.96 13.76
C TYR A 223 -11.27 2.65 14.24
N ARG A 224 -11.49 2.80 15.54
CA ARG A 224 -12.64 3.59 16.01
C ARG A 224 -12.56 5.00 15.53
N ARG A 225 -11.34 5.47 15.24
CA ARG A 225 -11.21 6.87 14.77
C ARG A 225 -12.02 7.10 13.53
N TRP A 226 -12.04 6.11 12.63
CA TRP A 226 -12.62 6.25 11.33
C TRP A 226 -13.90 5.46 11.14
N PHE A 227 -14.13 4.47 12.01
CA PHE A 227 -15.35 3.63 11.96
C PHE A 227 -16.10 3.68 13.30
N PRO A 228 -16.46 4.91 13.77
CA PRO A 228 -17.11 5.00 15.09
C PRO A 228 -18.35 4.17 15.18
N GLY A 229 -18.45 3.41 16.29
CA GLY A 229 -19.64 2.61 16.59
C GLY A 229 -19.66 1.25 15.92
N ARG A 230 -18.78 1.02 14.96
CA ARG A 230 -18.83 -0.25 14.21
C ARG A 230 -18.50 -1.42 15.11
N ILE A 231 -19.18 -2.53 14.85
CA ILE A 231 -18.81 -3.81 15.43
C ILE A 231 -18.16 -4.62 14.30
N LEU A 232 -16.85 -4.86 14.44
CA LEU A 232 -16.10 -5.61 13.42
C LEU A 232 -16.10 -7.08 13.78
N HIS A 233 -16.51 -7.89 12.84
CA HIS A 233 -16.49 -9.35 13.07
C HIS A 233 -15.22 -9.92 12.48
N CYS A 234 -14.62 -10.84 13.24
CA CYS A 234 -13.51 -11.69 12.77
C CYS A 234 -13.84 -13.10 13.18
N VAL A 235 -13.21 -14.08 12.57
CA VAL A 235 -13.46 -15.48 12.99
C VAL A 235 -13.04 -15.72 14.44
N THR A 236 -12.19 -14.87 14.99
CA THR A 236 -11.76 -14.96 16.40
C THR A 236 -12.74 -14.25 17.35
N GLY A 237 -13.78 -13.59 16.82
CA GLY A 237 -14.76 -12.90 17.69
C GLY A 237 -15.05 -11.51 17.16
N ARG A 238 -16.11 -10.95 17.67
CA ARG A 238 -16.52 -9.56 17.38
C ARG A 238 -15.65 -8.62 18.18
N VAL A 239 -15.42 -7.44 17.61
CA VAL A 239 -14.76 -6.36 18.32
C VAL A 239 -15.59 -5.10 18.16
N ALA A 240 -16.17 -4.62 19.25
CA ALA A 240 -16.92 -3.36 19.25
C ALA A 240 -15.85 -2.26 19.27
N LEU A 241 -15.68 -1.55 18.16
CA LEU A 241 -14.60 -0.57 18.08
C LEU A 241 -14.82 0.61 19.00
N GLY A 242 -16.08 0.94 19.30
CA GLY A 242 -16.41 2.12 20.09
C GLY A 242 -16.20 3.38 19.26
N GLY A 243 -16.01 4.48 19.98
CA GLY A 243 -15.81 5.80 19.34
C GLY A 243 -17.11 6.52 19.06
N GLY A 244 -17.01 7.83 18.95
CA GLY A 244 -18.15 8.65 18.52
C GLY A 244 -19.34 8.50 19.43
N TRP A 245 -20.52 8.44 18.79
CA TRP A 245 -21.78 8.39 19.53
C TRP A 245 -21.84 7.17 20.42
N TYR A 246 -21.12 6.09 20.04
CA TYR A 246 -21.18 4.84 20.78
C TYR A 246 -20.64 4.98 22.19
N GLU A 247 -19.82 6.01 22.44
CA GLU A 247 -19.25 6.22 23.78
C GLU A 247 -20.29 6.72 24.77
N ALA A 248 -21.44 7.23 24.33
CA ALA A 248 -22.49 7.54 25.30
C ALA A 248 -22.92 6.27 26.01
N ARG A 249 -23.14 6.39 27.31
CA ARG A 249 -23.55 5.24 28.13
C ARG A 249 -25.05 5.13 28.27
N MET B 1 9.22 -33.78 -7.63
CA MET B 1 10.31 -32.79 -7.39
C MET B 1 9.92 -31.85 -6.25
N LYS B 2 10.77 -31.79 -5.23
CA LYS B 2 10.48 -30.91 -4.08
C LYS B 2 10.68 -29.45 -4.48
N PRO B 3 9.72 -28.55 -4.14
CA PRO B 3 9.98 -27.15 -4.43
C PRO B 3 11.23 -26.68 -3.67
N VAL B 4 11.95 -25.74 -4.27
CA VAL B 4 13.09 -25.13 -3.62
C VAL B 4 12.70 -23.70 -3.29
N PRO B 5 12.41 -23.44 -1.99
CA PRO B 5 11.99 -22.09 -1.64
C PRO B 5 13.16 -21.13 -1.49
N THR B 6 12.90 -19.84 -1.64
CA THR B 6 13.87 -18.79 -1.29
C THR B 6 13.53 -18.26 0.10
N TYR B 7 14.50 -18.29 1.00
CA TYR B 7 14.34 -17.78 2.34
C TYR B 7 14.75 -16.31 2.36
N VAL B 8 13.88 -15.48 2.91
CA VAL B 8 14.05 -14.02 2.89
C VAL B 8 14.34 -13.57 4.31
N GLN B 9 15.41 -12.77 4.44
CA GLN B 9 15.79 -12.16 5.70
C GLN B 9 15.35 -10.70 5.72
N ASP B 10 15.35 -10.11 6.90
CA ASP B 10 15.00 -8.69 7.02
C ASP B 10 16.21 -7.83 6.84
N LYS B 11 16.63 -7.70 5.59
CA LYS B 11 17.81 -6.94 5.24
C LYS B 11 17.51 -6.09 4.03
N ASP B 12 18.12 -4.91 3.98
CA ASP B 12 18.01 -4.02 2.83
C ASP B 12 19.11 -4.40 1.89
N GLU B 13 18.74 -5.07 0.82
CA GLU B 13 19.79 -5.54 -0.07
C GLU B 13 20.06 -4.60 -1.24
N SER B 14 19.40 -3.44 -1.28
CA SER B 14 19.65 -2.48 -2.36
C SER B 14 21.19 -2.14 -2.41
N THR B 15 21.67 -1.82 -3.61
CA THR B 15 22.96 -1.19 -3.80
C THR B 15 22.77 0.21 -4.43
N LEU B 16 21.64 0.46 -5.15
CA LEU B 16 21.40 1.80 -5.64
C LEU B 16 20.69 2.55 -4.58
N MET B 17 21.05 3.81 -4.42
CA MET B 17 20.38 4.67 -3.45
C MET B 17 18.99 5.04 -3.95
N PHE B 18 18.86 5.38 -5.24
CA PHE B 18 17.58 5.90 -5.75
C PHE B 18 17.12 5.19 -7.00
N SER B 19 15.82 4.94 -7.05
CA SER B 19 15.12 4.67 -8.30
C SER B 19 14.30 5.90 -8.60
N VAL B 20 14.60 6.58 -9.71
CA VAL B 20 13.91 7.82 -10.06
C VAL B 20 12.89 7.47 -11.11
N CYS B 21 11.61 7.56 -10.73
CA CYS B 21 10.50 7.20 -11.62
C CYS B 21 9.77 8.46 -12.00
N SER B 22 9.50 8.60 -13.28
CA SER B 22 8.83 9.80 -13.78
C SER B 22 7.63 9.43 -14.63
N LEU B 23 6.61 10.29 -14.62
CA LEU B 23 5.41 10.11 -15.42
C LEU B 23 5.62 10.89 -16.71
N VAL B 24 5.90 10.20 -17.81
CA VAL B 24 6.48 10.86 -19.00
C VAL B 24 5.53 10.90 -20.15
N ARG B 25 5.32 12.10 -20.68
CA ARG B 25 4.59 12.30 -21.90
C ARG B 25 5.40 13.00 -22.99
N ASP B 26 6.28 13.91 -22.60
CA ASP B 26 7.03 14.76 -23.55
C ASP B 26 8.51 14.37 -23.46
N GLN B 27 9.04 13.80 -24.55
CA GLN B 27 10.42 13.35 -24.57
C GLN B 27 11.41 14.45 -24.27
N ALA B 28 11.19 15.64 -24.82
CA ALA B 28 12.17 16.71 -24.61
C ALA B 28 12.23 17.14 -23.14
N LYS B 29 11.07 17.20 -22.48
CA LYS B 29 11.09 17.56 -21.04
C LYS B 29 11.79 16.45 -20.25
N TYR B 30 11.51 15.18 -20.58
CA TYR B 30 12.14 14.09 -19.84
C TYR B 30 13.64 14.06 -20.08
N ASP B 31 14.08 14.33 -21.32
CA ASP B 31 15.54 14.32 -21.60
C ASP B 31 16.24 15.41 -20.77
N ARG B 32 15.56 16.56 -20.62
CA ARG B 32 16.10 17.63 -19.81
C ARG B 32 16.20 17.19 -18.35
N LEU B 33 15.16 16.51 -17.86
CA LEU B 33 15.19 15.99 -16.48
C LEU B 33 16.41 15.08 -16.29
N LEU B 34 16.53 14.11 -17.20
CA LEU B 34 17.59 13.10 -17.07
C LEU B 34 18.98 13.73 -17.07
N GLU B 35 19.21 14.68 -17.98
CA GLU B 35 20.50 15.36 -18.03
CA GLU B 35 20.50 15.35 -18.02
C GLU B 35 20.79 16.08 -16.70
N SER B 36 19.77 16.71 -16.13
CA SER B 36 19.97 17.50 -14.93
C SER B 36 20.22 16.60 -13.74
N PHE B 37 19.54 15.46 -13.64
CA PHE B 37 19.80 14.60 -12.49
C PHE B 37 21.22 14.03 -12.56
N GLU B 38 21.68 13.63 -13.76
CA GLU B 38 23.04 13.11 -13.88
C GLU B 38 24.05 14.20 -13.52
N ARG B 39 23.81 15.42 -14.00
CA ARG B 39 24.75 16.54 -13.73
C ARG B 39 24.90 16.81 -12.24
N PHE B 40 23.82 16.62 -11.49
CA PHE B 40 23.77 16.88 -10.06
C PHE B 40 23.90 15.62 -9.22
N GLY B 41 24.56 14.60 -9.78
CA GLY B 41 25.13 13.53 -8.98
C GLY B 41 24.39 12.20 -8.99
N PHE B 42 23.30 12.11 -9.76
CA PHE B 42 22.56 10.84 -9.87
C PHE B 42 23.17 10.00 -10.98
N THR B 43 24.37 9.52 -10.74
CA THR B 43 25.13 8.74 -11.71
C THR B 43 24.72 7.26 -11.62
N PRO B 44 25.13 6.42 -12.59
CA PRO B 44 24.60 5.05 -12.62
C PRO B 44 24.98 4.16 -11.47
N ASP B 45 26.03 4.51 -10.74
CA ASP B 45 26.35 3.80 -9.49
C ASP B 45 25.42 4.16 -8.34
N LYS B 46 24.68 5.26 -8.46
CA LYS B 46 23.81 5.79 -7.38
C LYS B 46 22.33 5.68 -7.70
N ALA B 47 21.96 5.67 -8.98
CA ALA B 47 20.55 5.85 -9.36
C ALA B 47 20.26 5.14 -10.65
N GLU B 48 19.02 4.71 -10.77
CA GLU B 48 18.43 4.22 -12.03
C GLU B 48 17.22 5.08 -12.32
N PHE B 49 16.83 5.10 -13.59
CA PHE B 49 15.69 5.94 -14.06
C PHE B 49 14.69 5.07 -14.78
N LEU B 50 13.43 5.23 -14.41
CA LEU B 50 12.33 4.50 -15.03
C LEU B 50 11.24 5.47 -15.36
N ALA B 51 10.54 5.25 -16.46
CA ALA B 51 9.48 6.13 -16.92
C ALA B 51 8.19 5.38 -17.07
N ALA B 52 7.12 5.85 -16.43
CA ALA B 52 5.78 5.35 -16.75
C ALA B 52 5.43 6.00 -18.08
N ASP B 53 5.25 5.17 -19.10
CA ASP B 53 5.30 5.69 -20.46
C ASP B 53 3.92 6.17 -20.94
N ASN B 54 3.71 7.47 -20.85
CA ASN B 54 2.50 8.12 -21.36
C ASN B 54 2.79 8.89 -22.64
N ARG B 55 3.84 8.52 -23.37
CA ARG B 55 4.16 9.25 -24.59
C ARG B 55 3.14 9.04 -25.68
N GLU B 56 2.51 7.87 -25.73
CA GLU B 56 1.55 7.60 -26.82
C GLU B 56 0.10 7.76 -26.40
N GLY B 57 -0.18 7.80 -25.11
CA GLY B 57 -1.55 7.86 -24.60
C GLY B 57 -1.49 7.85 -23.09
N ASN B 58 -2.64 8.07 -22.48
CA ASN B 58 -2.77 8.06 -21.01
C ASN B 58 -2.85 6.66 -20.46
N GLN B 59 -1.77 5.91 -20.70
CA GLN B 59 -1.57 4.57 -20.24
C GLN B 59 -1.66 4.43 -18.72
N PHE B 60 -1.06 5.37 -18.04
CA PHE B 60 -1.08 5.47 -16.58
C PHE B 60 -1.74 6.77 -16.20
N HIS B 61 -2.17 6.85 -14.97
CA HIS B 61 -2.58 8.13 -14.36
C HIS B 61 -1.97 8.24 -12.99
N GLY B 62 -2.24 9.34 -12.29
CA GLY B 62 -1.53 9.64 -11.05
C GLY B 62 -1.81 8.65 -9.94
N PHE B 63 -3.01 8.01 -9.96
CA PHE B 63 -3.33 7.07 -8.90
C PHE B 63 -2.86 5.67 -9.17
N SER B 64 -2.55 5.36 -10.43
CA SER B 64 -2.18 3.98 -10.80
C SER B 64 -0.70 3.77 -11.00
N TRP B 65 0.07 4.81 -11.35
CA TRP B 65 1.39 4.50 -11.91
C TRP B 65 2.34 3.82 -10.92
N HIS B 66 2.30 4.13 -9.64
CA HIS B 66 3.32 3.54 -8.76
C HIS B 66 3.21 2.00 -8.70
N LYS B 67 2.01 1.46 -8.91
CA LYS B 67 1.80 0.02 -8.74
C LYS B 67 2.53 -0.78 -9.82
N GLN B 68 2.74 -0.21 -11.00
CA GLN B 68 3.57 -0.81 -12.03
C GLN B 68 5.04 -0.46 -11.90
N MET B 69 5.35 0.68 -11.33
CA MET B 69 6.76 1.10 -11.23
C MET B 69 7.49 0.44 -10.07
N LEU B 70 6.86 0.42 -8.88
CA LEU B 70 7.54 -0.10 -7.66
CA LEU B 70 7.57 -0.04 -7.71
C LEU B 70 8.18 -1.48 -7.84
N PRO B 71 7.46 -2.43 -8.46
CA PRO B 71 8.08 -3.76 -8.61
C PRO B 71 9.35 -3.78 -9.41
N ARG B 72 9.54 -2.79 -10.26
CA ARG B 72 10.70 -2.73 -11.09
C ARG B 72 11.87 -2.01 -10.46
N CYS B 73 11.68 -1.36 -9.32
CA CYS B 73 12.70 -0.57 -8.68
C CYS B 73 13.60 -1.39 -7.83
N LYS B 74 14.87 -1.04 -7.85
CA LYS B 74 15.87 -1.72 -7.04
C LYS B 74 16.53 -0.80 -6.01
N GLY B 75 16.22 0.49 -6.04
CA GLY B 75 16.86 1.45 -5.14
C GLY B 75 16.30 1.46 -3.72
N ARG B 76 17.09 2.00 -2.79
CA ARG B 76 16.62 2.13 -1.40
C ARG B 76 15.40 3.07 -1.30
N TYR B 77 15.49 4.19 -1.99
CA TYR B 77 14.40 5.19 -2.02
C TYR B 77 13.89 5.30 -3.43
N VAL B 78 12.58 5.41 -3.54
CA VAL B 78 11.94 5.58 -4.83
C VAL B 78 11.38 6.98 -4.92
N ILE B 79 11.82 7.72 -5.92
CA ILE B 79 11.29 9.04 -6.25
C ILE B 79 10.23 8.87 -7.32
N PHE B 80 9.09 9.53 -7.13
CA PHE B 80 8.06 9.62 -8.15
C PHE B 80 7.93 11.09 -8.48
N CYS B 81 8.35 11.47 -9.66
CA CYS B 81 8.32 12.89 -10.03
C CYS B 81 7.73 13.11 -11.41
N HIS B 82 7.43 14.37 -11.67
CA HIS B 82 6.96 14.78 -12.99
C HIS B 82 8.11 14.99 -13.93
N GLU B 83 7.78 15.02 -15.22
CA GLU B 83 8.80 15.12 -16.27
C GLU B 83 9.39 16.50 -16.36
N ASP B 84 8.73 17.48 -15.75
CA ASP B 84 9.12 18.90 -15.86
C ASP B 84 9.68 19.44 -14.56
N VAL B 85 10.35 18.57 -13.83
CA VAL B 85 11.29 19.01 -12.83
C VAL B 85 12.71 18.88 -13.37
N GLU B 86 13.62 19.68 -12.83
CA GLU B 86 15.03 19.59 -13.17
C GLU B 86 15.84 20.01 -11.96
N LEU B 87 16.95 19.33 -11.74
CA LEU B 87 17.88 19.78 -10.72
C LEU B 87 18.71 20.93 -11.23
N VAL B 88 18.94 21.91 -10.36
CA VAL B 88 19.63 23.13 -10.76
C VAL B 88 20.70 23.59 -9.76
N ASP B 89 20.71 23.06 -8.54
CA ASP B 89 21.73 23.45 -7.56
C ASP B 89 21.89 22.33 -6.53
N ARG B 90 20.82 22.00 -5.82
CA ARG B 90 20.87 20.87 -4.88
C ARG B 90 20.87 19.56 -5.67
N GLY B 91 21.62 18.58 -5.16
CA GLY B 91 21.81 17.33 -5.86
C GLY B 91 21.77 16.13 -4.97
N TYR B 92 22.37 15.06 -5.47
CA TYR B 92 22.32 13.75 -4.84
C TYR B 92 22.70 13.83 -3.35
N ASP B 93 23.85 14.43 -3.03
CA ASP B 93 24.30 14.44 -1.63
C ASP B 93 23.34 15.22 -0.74
N ASP B 94 22.78 16.31 -1.28
CA ASP B 94 21.82 17.11 -0.51
C ASP B 94 20.54 16.30 -0.23
N LEU B 95 20.07 15.54 -1.23
CA LEU B 95 18.86 14.75 -1.00
C LEU B 95 19.10 13.64 0.01
N VAL B 96 20.22 12.94 -0.11
CA VAL B 96 20.55 11.93 0.87
C VAL B 96 20.61 12.52 2.26
N ALA B 97 21.28 13.67 2.42
CA ALA B 97 21.39 14.29 3.73
C ALA B 97 20.01 14.66 4.27
N ALA B 98 19.12 15.18 3.41
CA ALA B 98 17.81 15.59 3.89
C ALA B 98 17.00 14.37 4.34
N ILE B 99 17.08 13.28 3.60
CA ILE B 99 16.33 12.06 3.95
CA ILE B 99 16.28 12.10 3.98
C ILE B 99 16.85 11.47 5.23
N GLU B 100 18.18 11.39 5.34
CA GLU B 100 18.75 10.81 6.54
C GLU B 100 18.48 11.67 7.77
N ALA B 101 18.42 12.99 7.59
CA ALA B 101 18.05 13.88 8.69
C ALA B 101 16.59 13.67 9.08
N LEU B 102 15.71 13.49 8.10
CA LEU B 102 14.29 13.25 8.40
C LEU B 102 14.16 11.93 9.17
N GLU B 103 14.89 10.90 8.75
CA GLU B 103 14.80 9.63 9.49
C GLU B 103 15.18 9.79 10.95
N GLU B 104 16.22 10.58 11.22
CA GLU B 104 16.60 10.85 12.61
C GLU B 104 15.54 11.67 13.35
N ALA B 105 14.98 12.66 12.68
CA ALA B 105 14.02 13.57 13.31
C ALA B 105 12.68 12.89 13.57
N ASP B 106 12.22 12.05 12.63
CA ASP B 106 10.90 11.43 12.77
C ASP B 106 10.87 10.15 11.99
N PRO B 107 11.22 9.04 12.64
CA PRO B 107 11.21 7.75 11.95
C PRO B 107 9.84 7.29 11.48
N LYS B 108 8.74 7.95 11.89
CA LYS B 108 7.41 7.59 11.42
C LYS B 108 7.09 8.14 10.05
N TRP B 109 8.00 8.89 9.43
CA TRP B 109 7.73 9.37 8.07
C TRP B 109 7.61 8.19 7.12
N LEU B 110 6.73 8.34 6.12
CA LEU B 110 6.57 7.36 5.03
C LEU B 110 6.73 8.00 3.69
N VAL B 111 6.32 9.27 3.53
CA VAL B 111 6.37 10.00 2.25
CA VAL B 111 6.48 9.95 2.24
CA VAL B 111 6.48 9.96 2.24
C VAL B 111 7.04 11.33 2.47
N ALA B 112 7.88 11.74 1.56
CA ALA B 112 8.50 13.08 1.61
C ALA B 112 8.37 13.75 0.27
N GLY B 113 8.29 15.07 0.25
CA GLY B 113 8.25 15.81 -1.00
C GLY B 113 8.84 17.19 -0.76
N VAL B 114 8.76 18.03 -1.78
CA VAL B 114 9.41 19.38 -1.74
C VAL B 114 8.45 20.50 -1.45
N ALA B 115 7.14 20.24 -1.53
CA ALA B 115 6.13 21.30 -1.40
C ALA B 115 4.86 20.64 -0.94
N GLY B 116 4.20 21.24 0.06
CA GLY B 116 2.91 20.69 0.52
C GLY B 116 2.25 21.63 1.47
N SER B 117 1.30 21.11 2.25
CA SER B 117 0.59 21.92 3.24
C SER B 117 0.81 21.34 4.61
N PRO B 118 1.22 22.18 5.58
CA PRO B 118 1.41 21.73 6.97
C PRO B 118 0.24 20.91 7.51
N TRP B 119 0.59 19.93 8.33
CA TRP B 119 -0.40 19.01 8.90
C TRP B 119 -1.29 19.73 9.89
N ARG B 120 -2.59 19.60 9.69
CA ARG B 120 -3.62 20.20 10.58
C ARG B 120 -3.36 21.68 10.85
N PRO B 121 -3.43 22.51 9.82
CA PRO B 121 -3.31 23.96 10.06
C PRO B 121 -4.39 24.44 11.03
N LEU B 122 -4.03 25.41 11.86
CA LEU B 122 -5.06 26.01 12.71
C LEU B 122 -5.85 27.06 11.97
N ASN B 123 -5.22 27.73 11.00
CA ASN B 123 -5.85 28.86 10.36
C ASN B 123 -6.41 28.48 9.00
N HIS B 124 -7.68 28.17 8.95
CA HIS B 124 -8.32 27.77 7.72
C HIS B 124 -8.76 28.95 6.87
N SER B 125 -8.46 30.19 7.29
CA SER B 125 -8.86 31.35 6.48
C SER B 125 -7.90 31.63 5.32
N VAL B 126 -6.77 30.94 5.30
CA VAL B 126 -5.79 31.03 4.22
C VAL B 126 -5.29 29.62 3.97
N THR B 127 -4.78 29.37 2.77
CA THR B 127 -4.25 28.05 2.44
C THR B 127 -2.85 27.90 2.99
N ALA B 128 -2.64 26.94 3.85
CA ALA B 128 -1.31 26.72 4.44
C ALA B 128 -0.39 26.06 3.41
N GLN B 129 0.85 26.58 3.28
CA GLN B 129 1.83 26.02 2.38
C GLN B 129 3.18 25.99 3.03
N ALA B 130 3.95 24.96 2.68
CA ALA B 130 5.34 24.80 3.14
C ALA B 130 6.12 24.25 1.98
N LEU B 131 7.09 25.02 1.46
CA LEU B 131 7.82 24.63 0.27
C LEU B 131 9.09 25.44 0.15
N HIS B 132 9.97 24.94 -0.69
CA HIS B 132 11.15 25.68 -1.19
C HIS B 132 11.36 25.20 -2.60
N ILE B 133 11.26 26.08 -3.59
CA ILE B 133 11.26 25.62 -4.98
C ILE B 133 11.56 26.82 -5.89
N SER B 134 11.89 26.54 -7.14
CA SER B 134 11.78 27.55 -8.22
C SER B 134 10.68 27.07 -9.13
N ASP B 135 9.71 27.91 -9.43
CA ASP B 135 8.61 27.51 -10.29
C ASP B 135 8.03 28.74 -10.97
N VAL B 136 6.88 28.63 -11.61
CA VAL B 136 6.28 29.75 -12.34
CA VAL B 136 6.36 29.78 -12.35
C VAL B 136 5.95 30.93 -11.43
N PHE B 137 5.80 30.67 -10.15
CA PHE B 137 5.45 31.72 -9.20
C PHE B 137 6.66 32.45 -8.66
N GLY B 138 7.86 31.99 -8.97
CA GLY B 138 9.09 32.68 -8.56
C GLY B 138 10.27 31.73 -8.48
N ASN B 139 11.46 32.28 -8.76
CA ASN B 139 12.68 31.55 -8.53
C ASN B 139 13.10 31.62 -7.08
N ASP B 140 13.63 30.52 -6.56
CA ASP B 140 14.13 30.40 -5.20
CA ASP B 140 14.20 30.51 -5.23
C ASP B 140 13.21 31.06 -4.22
N ARG B 141 12.01 30.49 -4.17
CA ARG B 141 10.94 31.00 -3.30
C ARG B 141 10.67 30.01 -2.21
N ARG B 142 10.06 30.50 -1.13
CA ARG B 142 9.65 29.72 -0.01
C ARG B 142 8.27 30.06 0.45
N ARG B 143 7.60 29.07 1.04
CA ARG B 143 6.43 29.32 1.92
C ARG B 143 6.69 28.55 3.17
N GLY B 144 6.34 29.12 4.30
CA GLY B 144 6.51 28.38 5.55
C GLY B 144 7.93 27.99 5.83
N ASN B 145 8.10 26.93 6.60
CA ASN B 145 9.42 26.51 7.00
C ASN B 145 9.53 25.01 6.81
N VAL B 146 10.39 24.61 5.92
CA VAL B 146 10.68 23.19 5.66
C VAL B 146 12.02 22.87 6.33
N PRO B 147 12.24 21.65 6.81
CA PRO B 147 11.28 20.51 6.76
C PRO B 147 10.15 20.65 7.75
N CYS B 148 9.00 20.07 7.41
CA CYS B 148 7.89 20.07 8.36
C CYS B 148 6.89 19.02 7.96
N ARG B 149 6.12 18.57 8.96
CA ARG B 149 5.08 17.57 8.70
C ARG B 149 3.95 18.20 7.90
N VAL B 150 3.43 17.44 6.96
CA VAL B 150 2.37 17.91 6.06
C VAL B 150 1.20 16.96 6.01
N GLU B 151 0.06 17.48 5.58
CA GLU B 151 -1.12 16.65 5.30
C GLU B 151 -1.31 16.39 3.81
N SER B 152 -0.55 17.08 2.96
CA SER B 152 -0.62 16.88 1.50
C SER B 152 0.72 17.28 0.93
N LEU B 153 1.03 16.76 -0.26
CA LEU B 153 2.27 17.10 -1.00
C LEU B 153 1.87 17.37 -2.43
N ASP B 154 2.56 18.32 -3.05
CA ASP B 154 2.44 18.50 -4.49
CA ASP B 154 2.53 18.55 -4.50
C ASP B 154 3.04 17.32 -5.22
N GLU B 155 2.40 16.97 -6.32
CA GLU B 155 2.79 15.78 -7.07
C GLU B 155 4.09 15.90 -7.86
N CYS B 156 4.68 17.09 -7.94
CA CYS B 156 5.82 17.20 -8.86
C CYS B 156 7.02 16.35 -8.40
N PHE B 157 7.17 16.09 -7.11
CA PHE B 157 8.33 15.32 -6.62
C PHE B 157 7.98 14.76 -5.26
N LEU B 158 7.93 13.46 -5.15
CA LEU B 158 7.87 12.92 -3.79
CA LEU B 158 7.48 12.60 -3.98
C LEU B 158 8.55 11.56 -3.79
N LEU B 159 8.76 11.03 -2.59
CA LEU B 159 9.57 9.83 -2.46
CA LEU B 159 9.73 9.98 -2.33
C LEU B 159 9.17 9.04 -1.24
N MET B 160 9.45 7.74 -1.33
CA MET B 160 9.20 6.81 -0.25
C MET B 160 10.32 5.81 -0.20
N ARG B 161 10.46 5.11 0.91
CA ARG B 161 11.38 3.95 0.95
C ARG B 161 10.78 2.80 0.14
N ARG B 162 11.60 2.13 -0.67
CA ARG B 162 11.09 0.98 -1.43
C ARG B 162 10.53 -0.07 -0.49
N LEU B 163 11.14 -0.27 0.67
CA LEU B 163 10.71 -1.31 1.61
C LEU B 163 9.64 -0.84 2.59
N LYS B 164 9.24 0.43 2.53
CA LYS B 164 8.12 0.90 3.35
C LYS B 164 7.24 1.79 2.48
N PRO B 165 6.59 1.20 1.48
CA PRO B 165 5.81 2.00 0.54
C PRO B 165 4.46 2.45 1.14
N VAL B 166 3.84 3.35 0.39
CA VAL B 166 2.43 3.73 0.60
C VAL B 166 1.79 3.63 -0.76
N LEU B 167 0.51 3.23 -0.79
CA LEU B 167 -0.24 3.10 -2.04
C LEU B 167 -1.28 4.17 -2.18
N ASN B 168 -1.46 4.64 -3.44
CA ASN B 168 -2.61 5.45 -3.82
C ASN B 168 -3.88 4.60 -3.95
N SER B 169 -4.99 5.25 -3.77
CA SER B 169 -6.33 4.66 -3.94
C SER B 169 -6.53 4.05 -5.31
N TYR B 170 -7.38 3.02 -5.35
CA TYR B 170 -7.82 2.37 -6.57
C TYR B 170 -9.10 2.95 -7.12
N ASP B 171 -9.86 3.71 -6.32
CA ASP B 171 -11.20 4.18 -6.72
C ASP B 171 -11.21 5.63 -7.18
N MET B 172 -10.06 6.16 -7.56
CA MET B 172 -9.99 7.47 -8.23
C MET B 172 -9.04 7.29 -9.40
N GLN B 173 -9.27 8.08 -10.46
CA GLN B 173 -8.35 8.08 -11.60
C GLN B 173 -8.22 9.49 -12.12
N GLY B 174 -7.00 9.82 -12.55
CA GLY B 174 -6.74 11.09 -13.21
C GLY B 174 -5.45 11.71 -12.70
N PHE B 175 -5.38 13.02 -12.90
CA PHE B 175 -4.07 13.71 -12.87
C PHE B 175 -4.06 14.86 -11.87
N HIS B 176 -4.86 14.75 -10.81
CA HIS B 176 -4.91 15.73 -9.72
C HIS B 176 -5.16 14.98 -8.44
N TYR B 177 -4.67 15.54 -7.33
CA TYR B 177 -4.95 15.10 -5.96
C TYR B 177 -4.33 13.79 -5.55
N TYR B 178 -3.47 13.20 -6.36
CA TYR B 178 -2.81 11.96 -6.00
C TYR B 178 -1.69 12.18 -4.98
N GLY B 179 -1.20 13.41 -4.79
CA GLY B 179 -0.29 13.71 -3.70
C GLY B 179 -1.02 13.71 -2.37
N ALA B 180 -2.13 14.42 -2.26
CA ALA B 180 -2.93 14.40 -1.02
C ALA B 180 -3.43 13.00 -0.74
N ASP B 181 -3.91 12.27 -1.74
CA ASP B 181 -4.38 10.92 -1.51
C ASP B 181 -3.31 10.03 -0.89
N LEU B 182 -2.07 10.14 -1.40
CA LEU B 182 -0.97 9.34 -0.87
C LEU B 182 -0.71 9.67 0.59
N CYS B 183 -0.75 10.96 0.93
CA CYS B 183 -0.48 11.37 2.32
C CYS B 183 -1.59 10.91 3.26
N LEU B 184 -2.84 10.93 2.80
CA LEU B 184 -3.93 10.46 3.65
C LEU B 184 -3.84 8.96 3.87
N GLN B 185 -3.51 8.20 2.82
CA GLN B 185 -3.29 6.76 3.00
C GLN B 185 -2.12 6.49 3.94
N ALA B 186 -1.06 7.31 3.88
CA ALA B 186 0.03 7.15 4.81
C ALA B 186 -0.45 7.27 6.25
N GLU B 187 -1.35 8.21 6.53
CA GLU B 187 -1.92 8.36 7.87
C GLU B 187 -2.76 7.12 8.22
N PHE B 188 -3.57 6.59 7.31
CA PHE B 188 -4.31 5.35 7.60
C PHE B 188 -3.38 4.24 7.95
N LEU B 189 -2.19 4.19 7.34
CA LEU B 189 -1.18 3.14 7.62
C LEU B 189 -0.37 3.42 8.87
N GLY B 190 -0.61 4.56 9.54
CA GLY B 190 0.07 4.85 10.80
C GLY B 190 1.33 5.64 10.64
N GLY B 191 1.57 6.25 9.48
CA GLY B 191 2.79 7.07 9.29
C GLY B 191 2.47 8.48 8.87
N ARG B 192 3.53 9.15 8.45
CA ARG B 192 3.49 10.61 8.30
C ARG B 192 4.08 11.04 6.98
N ALA B 193 3.74 12.26 6.59
CA ALA B 193 4.27 12.86 5.36
C ALA B 193 5.00 14.12 5.76
N TYR B 194 6.09 14.43 5.05
CA TYR B 194 6.87 15.64 5.32
C TYR B 194 7.21 16.32 4.03
N ALA B 195 7.24 17.65 4.09
CA ALA B 195 7.95 18.44 3.08
C ALA B 195 9.35 18.64 3.57
N ILE B 196 10.34 18.29 2.78
CA ILE B 196 11.75 18.50 3.12
C ILE B 196 12.25 19.70 2.33
N ASP B 197 13.46 20.13 2.70
CA ASP B 197 14.12 21.25 2.00
C ASP B 197 15.05 20.66 0.94
N PHE B 198 14.57 20.63 -0.30
CA PHE B 198 15.37 20.10 -1.40
C PHE B 198 14.94 20.89 -2.61
N HIS B 199 15.67 21.99 -2.84
CA HIS B 199 15.30 22.92 -3.89
C HIS B 199 15.59 22.37 -5.31
N LEU B 200 14.57 22.40 -6.14
CA LEU B 200 14.69 22.07 -7.57
C LEU B 200 13.84 23.04 -8.35
N HIS B 201 13.86 22.90 -9.69
CA HIS B 201 13.08 23.75 -10.56
C HIS B 201 11.94 22.94 -11.15
N HIS B 202 10.71 23.40 -10.94
CA HIS B 202 9.51 22.81 -11.46
C HIS B 202 8.93 23.77 -12.46
N TYR B 203 9.07 23.47 -13.74
CA TYR B 203 8.68 24.47 -14.72
C TYR B 203 7.29 24.16 -15.28
N GLY B 204 6.76 25.08 -16.07
CA GLY B 204 5.40 24.96 -16.61
C GLY B 204 4.30 25.58 -15.77
N ARG B 205 3.17 25.87 -16.41
CA ARG B 205 2.00 26.38 -15.70
C ARG B 205 0.89 25.35 -15.74
N ALA B 206 0.17 25.19 -14.63
CA ALA B 206 -1.12 24.47 -14.64
C ALA B 206 -2.08 25.09 -15.64
N ILE B 207 -2.77 24.24 -16.38
CA ILE B 207 -3.79 24.68 -17.32
C ILE B 207 -5.18 24.39 -16.73
N ALA B 208 -6.19 25.12 -17.20
CA ALA B 208 -7.57 24.88 -16.84
C ALA B 208 -7.90 23.44 -17.18
N ASP B 209 -8.56 22.76 -16.24
CA ASP B 209 -8.87 21.35 -16.43
C ASP B 209 -10.10 20.99 -15.56
N GLU B 210 -11.20 20.62 -16.20
CA GLU B 210 -12.42 20.22 -15.46
C GLU B 210 -12.16 19.05 -14.55
N ASN B 211 -11.15 18.24 -14.86
CA ASN B 211 -10.83 17.13 -13.99
C ASN B 211 -10.31 17.53 -12.62
N PHE B 212 -9.74 18.72 -12.49
CA PHE B 212 -9.34 19.19 -11.17
C PHE B 212 -10.56 19.32 -10.28
N HIS B 213 -11.60 20.02 -10.75
CA HIS B 213 -12.83 20.15 -9.98
C HIS B 213 -13.51 18.80 -9.77
N ARG B 214 -13.48 17.93 -10.78
CA ARG B 214 -14.05 16.59 -10.61
C ARG B 214 -13.37 15.86 -9.47
N LEU B 215 -12.04 15.80 -9.49
CA LEU B 215 -11.33 15.06 -8.45
C LEU B 215 -11.40 15.75 -7.10
N ARG B 216 -11.49 17.08 -7.05
CA ARG B 216 -11.70 17.76 -5.78
C ARG B 216 -13.00 17.23 -5.14
N GLN B 217 -14.06 17.16 -5.93
CA GLN B 217 -15.33 16.63 -5.40
C GLN B 217 -15.24 15.17 -5.03
N GLU B 218 -14.55 14.34 -5.83
CA GLU B 218 -14.42 12.92 -5.49
C GLU B 218 -13.60 12.75 -4.24
N MET B 219 -12.57 13.56 -4.06
CA MET B 219 -11.76 13.49 -2.85
C MET B 219 -12.60 13.85 -1.63
N ALA B 220 -13.43 14.90 -1.72
CA ALA B 220 -14.29 15.24 -0.59
C ALA B 220 -15.28 14.12 -0.31
N GLN B 221 -15.91 13.58 -1.35
CA GLN B 221 -16.89 12.50 -1.18
C GLN B 221 -16.27 11.29 -0.52
N LYS B 222 -15.05 10.95 -0.92
CA LYS B 222 -14.37 9.80 -0.35
C LYS B 222 -13.95 10.09 1.10
N TYR B 223 -13.16 11.14 1.29
CA TYR B 223 -12.50 11.31 2.57
C TYR B 223 -13.38 11.92 3.66
N ARG B 224 -14.50 12.59 3.31
CA ARG B 224 -15.41 13.04 4.35
C ARG B 224 -15.93 11.89 5.16
N ARG B 225 -15.94 10.68 4.59
CA ARG B 225 -16.48 9.52 5.33
C ARG B 225 -15.72 9.33 6.61
N TRP B 226 -14.39 9.52 6.55
CA TRP B 226 -13.51 9.19 7.66
C TRP B 226 -12.93 10.40 8.34
N PHE B 227 -13.00 11.57 7.69
CA PHE B 227 -12.52 12.85 8.26
C PHE B 227 -13.61 13.91 8.30
N PRO B 228 -14.77 13.59 8.91
CA PRO B 228 -15.88 14.57 8.87
C PRO B 228 -15.50 15.91 9.41
N GLY B 229 -15.86 16.94 8.65
CA GLY B 229 -15.64 18.34 9.05
C GLY B 229 -14.27 18.87 8.74
N ARG B 230 -13.32 18.01 8.39
CA ARG B 230 -11.94 18.48 8.19
C ARG B 230 -11.87 19.40 6.99
N ILE B 231 -11.01 20.41 7.11
CA ILE B 231 -10.61 21.23 5.96
C ILE B 231 -9.20 20.79 5.60
N LEU B 232 -9.08 20.17 4.42
CA LEU B 232 -7.77 19.67 3.98
C LEU B 232 -7.10 20.75 3.15
N HIS B 233 -5.88 21.08 3.50
CA HIS B 233 -5.12 22.07 2.71
C HIS B 233 -4.22 21.34 1.75
N CYS B 234 -4.20 21.86 0.52
CA CYS B 234 -3.23 21.50 -0.51
C CYS B 234 -2.66 22.76 -1.06
N VAL B 235 -1.51 22.69 -1.73
CA VAL B 235 -0.94 23.91 -2.35
C VAL B 235 -1.86 24.48 -3.40
N THR B 236 -2.77 23.66 -3.94
CA THR B 236 -3.76 24.10 -4.94
C THR B 236 -5.00 24.72 -4.28
N GLY B 237 -5.10 24.73 -2.96
CA GLY B 237 -6.30 25.29 -2.30
C GLY B 237 -6.80 24.39 -1.20
N ARG B 238 -7.59 24.98 -0.32
CA ARG B 238 -8.30 24.24 0.74
C ARG B 238 -9.50 23.50 0.15
N VAL B 239 -9.78 22.34 0.74
CA VAL B 239 -10.96 21.58 0.40
C VAL B 239 -11.69 21.27 1.72
N ALA B 240 -12.87 21.85 1.90
CA ALA B 240 -13.72 21.51 3.04
C ALA B 240 -14.36 20.17 2.71
N LEU B 241 -13.94 19.12 3.40
CA LEU B 241 -14.45 17.79 3.06
C LEU B 241 -15.94 17.65 3.35
N GLY B 242 -16.44 18.36 4.38
CA GLY B 242 -17.83 18.18 4.82
C GLY B 242 -17.99 16.91 5.62
N GLY B 243 -19.23 16.43 5.63
CA GLY B 243 -19.56 15.22 6.37
C GLY B 243 -19.87 15.47 7.83
N GLY B 244 -20.62 14.53 8.42
CA GLY B 244 -20.87 14.54 9.85
C GLY B 244 -21.55 15.81 10.30
N TRP B 245 -21.10 16.29 11.46
CA TRP B 245 -21.70 17.48 12.08
C TRP B 245 -21.61 18.70 11.18
N TYR B 246 -20.62 18.74 10.29
CA TYR B 246 -20.39 19.87 9.44
C TYR B 246 -21.53 20.09 8.47
N GLU B 247 -22.34 19.04 8.19
CA GLU B 247 -23.46 19.17 7.27
C GLU B 247 -24.58 19.99 7.87
N ALA B 248 -24.64 20.22 9.18
CA ALA B 248 -25.67 21.13 9.72
C ALA B 248 -25.44 22.51 9.14
N ARG B 249 -26.52 23.18 8.78
CA ARG B 249 -26.42 24.52 8.20
C ARG B 249 -26.57 25.60 9.24
C1 GOL C . -9.61 -21.23 12.22
O1 GOL C . -8.37 -21.56 12.84
C2 GOL C . -9.40 -21.23 10.70
O2 GOL C . -8.99 -22.53 10.32
C3 GOL C . -10.67 -20.88 9.95
O3 GOL C . -11.21 -19.62 10.34
C1 GOL D . 4.93 24.07 -5.75
O1 GOL D . 3.81 23.80 -4.91
C2 GOL D . 4.61 23.79 -7.21
O2 GOL D . 5.73 24.15 -8.01
C3 GOL D . 3.39 24.57 -7.68
O3 GOL D . 3.05 23.99 -8.92
#